data_4GVU
#
_entry.id   4GVU
#
_cell.length_a   53.399
_cell.length_b   57.419
_cell.length_c   74.328
_cell.angle_alpha   90.00
_cell.angle_beta   90.00
_cell.angle_gamma   90.00
#
_symmetry.space_group_name_H-M   'P 21 21 21'
#
loop_
_entity.id
_entity.type
_entity.pdbx_description
1 polymer 'Chymotrypsin-like elastase family member 1'
2 polymer 'Lyngbyastatin 7'
3 non-polymer 'CALCIUM ION'
4 non-polymer 'SULFATE ION'
5 water water
#
loop_
_entity_poly.entity_id
_entity_poly.type
_entity_poly.pdbx_seq_one_letter_code
_entity_poly.pdbx_strand_id
1 'polypeptide(L)'
;VVGGTEAQRNSWPSQISLQYRSGSSWAHTCGGTLIRQNWVMTAAHCVDRELTFRVVVGEHNLNQNNGTEQYVGVQKIVVH
PYWNTDDVAAGYDIALLRLAQSVTLNSYVQLGVLPRAGTILANNSPCYITGWGLTRTNGQLAQTLQQAYLPTVDYAICSS
SSYWGSTVKNSMVCAGGDGVRSGCQGDSGGPLHCLVNGQYAVHGVTSFVSRLGCNVTRKPTVFTRVSAYISWINNVIASN
;
A
2 'polypeptide(L)' (6NA)QT(DBU)(GLJ)F(YNM)V B
#
loop_
_chem_comp.id
_chem_comp.type
_chem_comp.name
_chem_comp.formula
6NA non-polymer 'HEXANOIC ACID' 'C6 H12 O2'
CA non-polymer 'CALCIUM ION' 'Ca 2'
SO4 non-polymer 'SULFATE ION' 'O4 S -2'
#
# COMPACT_ATOMS: atom_id res chain seq x y z
N VAL A 1 4.52 -9.11 -3.94
CA VAL A 1 5.48 -8.41 -4.88
C VAL A 1 6.07 -9.42 -5.83
N VAL A 2 5.87 -9.16 -7.12
CA VAL A 2 6.41 -10.01 -8.19
C VAL A 2 7.73 -9.43 -8.65
N GLY A 3 8.72 -10.32 -8.82
CA GLY A 3 10.00 -9.86 -9.36
C GLY A 3 10.90 -9.20 -8.34
N GLY A 4 10.60 -9.40 -7.05
CA GLY A 4 11.34 -8.77 -5.96
C GLY A 4 12.23 -9.73 -5.21
N THR A 5 12.80 -9.27 -4.10
CA THR A 5 13.58 -10.13 -3.21
C THR A 5 13.17 -9.79 -1.78
N GLU A 6 13.55 -10.65 -0.84
CA GLU A 6 13.36 -10.35 0.58
C GLU A 6 14.00 -9.02 0.99
N ALA A 7 13.22 -8.17 1.65
CA ALA A 7 13.71 -6.92 2.19
C ALA A 7 14.62 -7.20 3.39
N GLN A 8 15.62 -6.33 3.60
CA GLN A 8 16.40 -6.34 4.84
CA GLN A 8 16.40 -6.36 4.83
C GLN A 8 15.43 -6.20 6.01
N ARG A 9 15.59 -7.05 7.02
CA ARG A 9 14.66 -7.11 8.16
C ARG A 9 14.46 -5.69 8.73
N ASN A 10 13.19 -5.28 8.89
CA ASN A 10 12.84 -3.98 9.51
C ASN A 10 13.41 -2.71 8.86
N SER A 11 13.81 -2.82 7.58
CA SER A 11 14.37 -1.66 6.87
C SER A 11 13.35 -0.71 6.25
N TRP A 12 12.08 -1.12 6.28
CA TRP A 12 10.96 -0.23 5.89
C TRP A 12 10.05 -0.17 7.07
N PRO A 13 10.48 0.54 8.13
CA PRO A 13 9.81 0.43 9.44
C PRO A 13 8.45 1.09 9.52
N SER A 14 7.98 1.78 8.47
CA SER A 14 6.60 2.28 8.48
C SER A 14 5.63 1.28 7.80
N GLN A 15 6.18 0.23 7.23
CA GLN A 15 5.32 -0.80 6.61
C GLN A 15 4.57 -1.58 7.68
N ILE A 16 3.26 -1.69 7.51
CA ILE A 16 2.43 -2.49 8.42
C ILE A 16 1.73 -3.59 7.68
N SER A 17 1.34 -4.62 8.44
CA SER A 17 0.46 -5.67 7.92
C SER A 17 -0.90 -5.46 8.52
N LEU A 18 -1.91 -5.34 7.65
CA LEU A 18 -3.32 -5.21 8.10
C LEU A 18 -3.93 -6.61 8.05
N GLN A 19 -4.50 -7.05 9.18
CA GLN A 19 -4.94 -8.43 9.35
C GLN A 19 -6.37 -8.45 9.85
N TYR A 20 -7.11 -9.49 9.53
CA TYR A 20 -8.45 -9.66 10.06
C TYR A 20 -8.53 -10.97 10.84
N ARG A 21 -9.42 -11.02 11.80
CA ARG A 21 -9.55 -12.23 12.57
C ARG A 21 -10.26 -13.31 11.79
N SER A 22 -9.68 -14.51 11.87
CA SER A 22 -10.05 -15.61 11.04
C SER A 22 -9.91 -16.87 11.92
N GLY A 23 -11.05 -17.35 12.40
CA GLY A 23 -11.09 -18.51 13.31
C GLY A 23 -10.24 -18.29 14.54
N SER A 24 -9.30 -19.20 14.80
CA SER A 24 -8.45 -19.10 15.99
C SER A 24 -7.22 -18.22 15.76
N SER A 25 -7.13 -17.58 14.60
CA SER A 25 -5.94 -16.86 14.22
CA SER A 25 -5.93 -16.82 14.25
C SER A 25 -6.25 -15.52 13.52
N TRP A 26 -5.24 -15.01 12.84
CA TRP A 26 -5.33 -13.75 12.15
C TRP A 26 -4.79 -13.97 10.79
N ALA A 27 -5.33 -13.28 9.79
CA ALA A 27 -4.86 -13.46 8.43
C ALA A 27 -4.43 -12.11 7.86
N HIS A 28 -3.25 -12.08 7.24
CA HIS A 28 -2.84 -10.91 6.46
C HIS A 28 -3.76 -10.69 5.29
N THR A 29 -4.25 -9.44 5.15
CA THR A 29 -5.06 -9.10 3.97
C THR A 29 -4.46 -7.96 3.11
N CYS A 30 -3.80 -7.02 3.73
CA CYS A 30 -3.29 -5.83 3.04
C CYS A 30 -2.06 -5.26 3.72
N GLY A 31 -1.37 -4.38 2.99
CA GLY A 31 -0.34 -3.53 3.56
C GLY A 31 -0.94 -2.22 4.07
N GLY A 32 -0.06 -1.37 4.62
CA GLY A 32 -0.41 -0.03 5.01
C GLY A 32 0.85 0.67 5.47
N THR A 33 0.74 1.95 5.79
CA THR A 33 1.86 2.77 6.24
C THR A 33 1.51 3.41 7.57
N LEU A 34 2.39 3.25 8.57
CA LEU A 34 2.19 3.97 9.84
C LEU A 34 2.50 5.45 9.61
N ILE A 35 1.52 6.34 9.83
CA ILE A 35 1.78 7.79 9.61
C ILE A 35 1.76 8.62 10.90
N ARG A 36 1.12 8.08 11.94
CA ARG A 36 1.23 8.66 13.31
C ARG A 36 1.29 7.49 14.25
N GLN A 37 1.63 7.74 15.52
CA GLN A 37 1.71 6.61 16.41
C GLN A 37 0.40 5.83 16.53
N ASN A 38 -0.72 6.49 16.26
CA ASN A 38 -2.02 5.86 16.33
C ASN A 38 -2.81 5.94 15.00
N TRP A 39 -2.11 6.18 13.88
CA TRP A 39 -2.78 6.24 12.54
C TRP A 39 -2.06 5.51 11.47
N VAL A 40 -2.82 4.70 10.72
CA VAL A 40 -2.28 4.00 9.57
C VAL A 40 -3.01 4.43 8.29
N MET A 41 -2.24 4.61 7.20
CA MET A 41 -2.77 4.90 5.86
C MET A 41 -2.82 3.60 5.05
N THR A 42 -3.99 3.29 4.51
CA THR A 42 -4.12 2.07 3.65
C THR A 42 -5.07 2.39 2.48
N ALA A 43 -5.41 1.34 1.71
CA ALA A 43 -6.37 1.52 0.64
C ALA A 43 -7.79 1.39 1.19
N ALA A 44 -8.73 2.16 0.64
CA ALA A 44 -10.13 1.99 1.06
C ALA A 44 -10.65 0.59 0.79
N HIS A 45 -10.30 -0.01 -0.35
CA HIS A 45 -10.86 -1.31 -0.62
C HIS A 45 -10.45 -2.38 0.36
N CYS A 46 -9.37 -2.15 1.11
CA CYS A 46 -8.91 -3.12 2.11
C CYS A 46 -9.83 -3.22 3.28
N VAL A 47 -10.64 -2.19 3.48
CA VAL A 47 -11.53 -2.15 4.65
C VAL A 47 -13.02 -2.08 4.24
N ASP A 48 -13.31 -2.48 2.98
N ASP A 48 -13.38 -2.42 3.01
CA ASP A 48 -14.71 -2.62 2.42
CA ASP A 48 -14.83 -2.43 2.63
C ASP A 48 -15.52 -3.46 3.42
C ASP A 48 -15.61 -3.62 3.21
N ARG A 49 -14.91 -4.59 3.83
CA ARG A 49 -15.60 -5.63 4.61
C ARG A 49 -15.53 -5.19 6.07
N GLU A 50 -16.63 -5.46 6.77
CA GLU A 50 -16.74 -5.03 8.16
C GLU A 50 -16.30 -6.18 9.04
N LEU A 51 -14.97 -6.32 9.16
CA LEU A 51 -14.30 -7.39 9.85
C LEU A 51 -13.63 -6.82 11.08
N THR A 52 -13.07 -7.71 11.89
CA THR A 52 -12.26 -7.29 13.05
C THR A 52 -10.83 -7.18 12.54
N PHE A 53 -10.31 -5.95 12.51
CA PHE A 53 -8.97 -5.72 11.97
C PHE A 53 -7.95 -5.38 13.05
N ARG A 54 -6.73 -5.83 12.82
CA ARG A 54 -5.58 -5.36 13.58
C ARG A 54 -4.46 -4.94 12.64
N VAL A 55 -3.54 -4.16 13.21
CA VAL A 55 -2.34 -3.77 12.48
C VAL A 55 -1.15 -4.34 13.23
N VAL A 56 -0.19 -4.83 12.48
CA VAL A 56 1.08 -5.29 13.05
C VAL A 56 2.14 -4.35 12.56
N VAL A 57 2.81 -3.71 13.50
CA VAL A 57 3.99 -2.89 13.20
C VAL A 57 5.23 -3.68 13.57
N GLY A 58 6.34 -3.36 12.93
CA GLY A 58 7.63 -3.99 13.26
C GLY A 58 7.71 -5.41 12.71
N GLU A 59 6.82 -5.71 11.75
CA GLU A 59 6.71 -7.05 11.20
C GLU A 59 7.76 -7.34 10.12
N HIS A 60 8.20 -8.59 10.10
CA HIS A 60 8.99 -9.08 8.99
C HIS A 60 8.59 -10.43 8.49
N ASN A 61 8.54 -11.41 9.39
CA ASN A 61 8.08 -12.74 9.03
C ASN A 61 6.70 -13.00 9.61
N LEU A 62 5.73 -13.19 8.72
CA LEU A 62 4.31 -13.29 9.11
C LEU A 62 4.05 -14.55 9.93
N ASN A 63 4.96 -15.51 9.84
CA ASN A 63 4.74 -16.83 10.43
C ASN A 63 5.55 -17.16 11.70
N GLN A 64 6.51 -16.29 12.07
CA GLN A 64 7.27 -16.37 13.33
C GLN A 64 7.24 -15.05 14.08
N ASN A 65 6.98 -15.08 15.40
CA ASN A 65 7.04 -13.84 16.20
C ASN A 65 8.48 -13.60 16.67
N ASN A 66 9.03 -12.47 16.24
CA ASN A 66 10.45 -12.17 16.36
C ASN A 66 10.82 -11.07 17.33
N GLY A 67 9.87 -10.66 18.16
CA GLY A 67 10.13 -9.74 19.26
C GLY A 67 10.17 -8.26 18.90
N THR A 68 10.09 -7.97 17.59
CA THR A 68 10.04 -6.59 17.11
C THR A 68 8.61 -6.13 16.80
N GLU A 69 7.66 -7.08 16.82
CA GLU A 69 6.27 -6.75 16.44
C GLU A 69 5.49 -6.14 17.60
N GLN A 70 4.55 -5.26 17.27
CA GLN A 70 3.50 -4.83 18.21
C GLN A 70 2.19 -5.03 17.47
N TYR A 71 1.18 -5.52 18.19
CA TYR A 71 -0.11 -5.90 17.59
C TYR A 71 -1.15 -5.03 18.16
N VAL A 72 -1.84 -4.24 17.35
CA VAL A 72 -2.77 -3.28 17.90
C VAL A 72 -4.10 -3.29 17.11
N GLY A 73 -5.23 -3.25 17.79
CA GLY A 73 -6.54 -3.26 17.11
C GLY A 73 -6.82 -1.98 16.35
N VAL A 74 -7.57 -2.11 15.26
CA VAL A 74 -8.08 -0.94 14.55
C VAL A 74 -9.35 -0.51 15.25
N GLN A 75 -9.36 0.75 15.71
CA GLN A 75 -10.50 1.33 16.43
C GLN A 75 -11.49 2.12 15.58
N LYS A 76 -10.97 2.89 14.63
CA LYS A 76 -11.81 3.71 13.80
C LYS A 76 -11.28 3.69 12.38
N ILE A 77 -12.19 3.51 11.43
CA ILE A 77 -11.88 3.50 10.00
C ILE A 77 -12.52 4.72 9.33
N VAL A 78 -11.67 5.54 8.69
CA VAL A 78 -12.12 6.70 7.96
C VAL A 78 -11.74 6.55 6.48
N VAL A 79 -12.72 6.10 5.71
CA VAL A 79 -12.54 5.97 4.27
CA VAL A 79 -12.48 5.98 4.26
C VAL A 79 -12.70 7.33 3.59
N HIS A 80 -11.99 7.59 2.50
CA HIS A 80 -12.25 8.84 1.82
C HIS A 80 -13.72 8.90 1.44
N PRO A 81 -14.39 10.04 1.71
CA PRO A 81 -15.84 10.07 1.54
C PRO A 81 -16.32 9.99 0.10
N TYR A 82 -15.38 10.12 -0.85
CA TYR A 82 -15.69 10.01 -2.25
C TYR A 82 -15.34 8.64 -2.82
N TRP A 83 -14.75 7.79 -2.02
CA TRP A 83 -14.52 6.41 -2.46
C TRP A 83 -15.80 5.69 -2.77
N ASN A 84 -15.81 5.02 -3.90
CA ASN A 84 -16.93 4.16 -4.26
C ASN A 84 -16.38 2.79 -4.54
N THR A 85 -16.75 1.84 -3.69
CA THR A 85 -16.38 0.42 -3.75
CA THR A 85 -16.26 0.46 -3.79
C THR A 85 -16.57 -0.14 -5.17
N ASP A 86 -17.61 0.36 -5.85
CA ASP A 86 -18.01 -0.14 -7.15
C ASP A 86 -17.36 0.61 -8.31
N ASP A 87 -16.41 1.49 -8.03
CA ASP A 87 -15.80 2.28 -9.11
C ASP A 87 -14.34 2.60 -8.75
N VAL A 88 -13.48 1.57 -8.75
CA VAL A 88 -12.06 1.74 -8.36
C VAL A 88 -11.34 2.75 -9.25
N ALA A 89 -11.69 2.78 -10.55
CA ALA A 89 -11.03 3.73 -11.47
C ALA A 89 -11.34 5.18 -11.22
N ALA A 90 -12.39 5.47 -10.43
CA ALA A 90 -12.66 6.84 -10.08
C ALA A 90 -11.57 7.40 -9.12
N GLY A 91 -10.85 6.50 -8.43
CA GLY A 91 -9.86 6.93 -7.44
C GLY A 91 -10.41 6.96 -6.03
N TYR A 92 -9.77 7.86 -5.27
CA TYR A 92 -10.06 8.00 -3.82
C TYR A 92 -9.86 6.72 -3.04
N ASP A 93 -8.98 5.83 -3.54
CA ASP A 93 -8.75 4.57 -2.86
C ASP A 93 -7.75 4.73 -1.72
N ILE A 94 -8.27 5.28 -0.61
CA ILE A 94 -7.45 5.62 0.54
C ILE A 94 -8.34 5.61 1.77
N ALA A 95 -7.76 5.15 2.88
CA ALA A 95 -8.49 5.12 4.16
C ALA A 95 -7.46 5.34 5.25
N LEU A 96 -7.91 5.97 6.32
CA LEU A 96 -7.07 6.09 7.52
C LEU A 96 -7.67 5.29 8.65
N LEU A 97 -6.79 4.57 9.34
CA LEU A 97 -7.17 3.70 10.48
C LEU A 97 -6.59 4.29 11.76
N ARG A 98 -7.48 4.63 12.71
CA ARG A 98 -7.01 5.06 14.02
C ARG A 98 -6.88 3.79 14.86
N LEU A 99 -5.73 3.65 15.50
CA LEU A 99 -5.42 2.45 16.27
C LEU A 99 -5.97 2.60 17.68
N ALA A 100 -6.28 1.47 18.32
CA ALA A 100 -6.87 1.48 19.67
C ALA A 100 -5.89 2.01 20.72
N GLN A 101 -4.61 1.80 20.47
CA GLN A 101 -3.53 2.39 21.26
C GLN A 101 -2.47 2.95 20.34
N SER A 102 -1.70 3.89 20.87
CA SER A 102 -0.48 4.33 20.18
C SER A 102 0.59 3.26 20.24
N VAL A 103 1.23 2.99 19.11
CA VAL A 103 2.38 2.10 19.12
C VAL A 103 3.60 2.82 19.69
N THR A 104 4.57 2.04 20.14
CA THR A 104 5.83 2.61 20.62
C THR A 104 6.78 2.69 19.44
N LEU A 105 7.30 3.90 19.16
CA LEU A 105 8.27 4.06 18.07
C LEU A 105 9.63 3.61 18.55
N ASN A 106 10.34 2.92 17.69
CA ASN A 106 11.66 2.36 18.04
C ASN A 106 12.37 2.08 16.73
N SER A 107 13.43 1.27 16.74
CA SER A 107 14.16 1.03 15.50
CA SER A 107 14.19 0.98 15.52
C SER A 107 13.38 0.22 14.47
N TYR A 108 12.31 -0.45 14.90
CA TYR A 108 11.57 -1.32 14.00
C TYR A 108 10.24 -0.68 13.60
N VAL A 109 9.90 0.42 14.27
CA VAL A 109 8.56 1.00 14.13
C VAL A 109 8.75 2.51 14.01
N GLN A 110 8.54 3.06 12.81
CA GLN A 110 8.78 4.47 12.58
C GLN A 110 7.65 5.01 11.75
N LEU A 111 7.48 6.32 11.78
CA LEU A 111 6.47 6.98 10.94
C LEU A 111 6.95 7.08 9.50
N GLY A 112 6.02 6.86 8.56
CA GLY A 112 6.30 7.05 7.14
C GLY A 112 6.23 8.55 6.79
N VAL A 113 7.19 9.01 6.00
CA VAL A 113 7.26 10.42 5.63
C VAL A 113 6.36 10.58 4.40
N LEU A 114 5.44 11.53 4.43
CA LEU A 114 4.59 11.78 3.26
C LEU A 114 5.16 12.92 2.42
N PRO A 115 4.93 12.87 1.09
CA PRO A 115 5.35 13.98 0.25
C PRO A 115 4.63 15.28 0.56
N ARG A 116 5.22 16.42 0.15
CA ARG A 116 4.50 17.70 0.23
C ARG A 116 3.29 17.69 -0.68
N ALA A 117 2.21 18.34 -0.27
CA ALA A 117 0.99 18.42 -1.05
C ALA A 117 1.31 18.79 -2.52
N GLY A 118 0.75 18.01 -3.45
CA GLY A 118 0.91 18.32 -4.89
C GLY A 118 2.11 17.78 -5.62
N THR A 119 3.06 17.21 -4.87
CA THR A 119 4.30 16.72 -5.46
C THR A 119 4.05 15.68 -6.55
N ILE A 120 4.58 15.94 -7.75
CA ILE A 120 4.55 14.98 -8.83
C ILE A 120 5.97 14.60 -9.14
N LEU A 121 6.22 13.30 -9.28
CA LEU A 121 7.58 12.84 -9.57
C LEU A 121 7.80 12.81 -11.07
N ALA A 122 9.02 13.14 -11.49
CA ALA A 122 9.40 12.98 -12.89
C ALA A 122 9.20 11.54 -13.39
N ASN A 123 8.93 11.36 -14.68
CA ASN A 123 8.89 10.00 -15.20
C ASN A 123 10.14 9.18 -14.85
N ASN A 124 9.95 7.89 -14.57
CA ASN A 124 11.05 6.96 -14.27
C ASN A 124 11.80 7.29 -12.98
N SER A 125 11.12 7.95 -12.05
CA SER A 125 11.70 8.24 -10.75
C SER A 125 11.93 6.98 -9.92
N PRO A 126 12.98 6.95 -9.08
CA PRO A 126 13.31 5.76 -8.29
C PRO A 126 12.33 5.52 -7.12
N CYS A 127 11.63 4.36 -7.18
CA CYS A 127 10.74 3.93 -6.07
C CYS A 127 10.89 2.44 -5.80
N TYR A 128 10.50 2.03 -4.59
CA TYR A 128 10.39 0.61 -4.22
C TYR A 128 8.98 0.34 -3.76
N ILE A 129 8.40 -0.74 -4.26
CA ILE A 129 7.17 -1.28 -3.67
C ILE A 129 7.55 -2.34 -2.63
N THR A 130 6.84 -2.38 -1.50
CA THR A 130 7.11 -3.40 -0.50
C THR A 130 5.79 -4.10 -0.13
N GLY A 131 5.87 -5.38 0.25
CA GLY A 131 4.69 -6.05 0.74
C GLY A 131 4.87 -7.53 0.92
N TRP A 132 3.88 -8.18 1.52
CA TRP A 132 3.87 -9.63 1.72
C TRP A 132 2.98 -10.31 0.69
N GLY A 133 2.61 -9.57 -0.36
CA GLY A 133 1.73 -10.10 -1.42
C GLY A 133 2.29 -11.27 -2.24
N LEU A 134 1.48 -11.85 -3.13
CA LEU A 134 1.92 -12.99 -3.97
C LEU A 134 3.21 -12.63 -4.68
N THR A 135 4.11 -13.62 -4.76
CA THR A 135 5.42 -13.37 -5.41
C THR A 135 5.40 -13.75 -6.90
N ARG A 136 4.26 -14.26 -7.38
CA ARG A 136 3.93 -14.46 -8.81
C ARG A 136 2.42 -14.27 -9.02
N THR A 137 2.02 -13.92 -10.24
CA THR A 137 0.63 -13.95 -10.59
C THR A 137 0.07 -15.33 -10.25
N ASN A 138 -1.05 -15.34 -9.53
CA ASN A 138 -1.64 -16.60 -9.02
C ASN A 138 -0.64 -17.47 -8.25
N GLY A 139 0.28 -16.85 -7.53
CA GLY A 139 1.28 -17.55 -6.69
C GLY A 139 0.96 -17.58 -5.19
N GLN A 140 2.01 -17.57 -4.39
CA GLN A 140 1.89 -17.67 -2.94
C GLN A 140 2.24 -16.37 -2.26
N LEU A 141 1.54 -16.06 -1.18
CA LEU A 141 1.95 -14.97 -0.32
C LEU A 141 3.39 -15.19 0.13
N ALA A 142 4.10 -14.09 0.31
CA ALA A 142 5.41 -14.10 0.90
C ALA A 142 5.36 -14.24 2.43
N GLN A 143 6.16 -15.14 2.99
CA GLN A 143 6.31 -15.17 4.44
C GLN A 143 7.09 -13.96 4.91
N THR A 144 8.12 -13.58 4.15
CA THR A 144 8.94 -12.44 4.55
C THR A 144 8.70 -11.23 3.64
N LEU A 145 8.81 -10.05 4.23
CA LEU A 145 8.57 -8.80 3.51
C LEU A 145 9.44 -8.71 2.28
N GLN A 146 8.83 -8.43 1.15
CA GLN A 146 9.53 -8.34 -0.15
C GLN A 146 9.64 -6.89 -0.61
N GLN A 147 10.62 -6.61 -1.47
CA GLN A 147 10.73 -5.30 -2.10
C GLN A 147 11.06 -5.49 -3.56
N ALA A 148 10.62 -4.56 -4.40
CA ALA A 148 11.03 -4.52 -5.80
C ALA A 148 11.19 -3.07 -6.27
N TYR A 149 12.23 -2.81 -7.06
CA TYR A 149 12.38 -1.50 -7.68
C TYR A 149 11.26 -1.35 -8.70
N LEU A 150 10.52 -0.24 -8.61
CA LEU A 150 9.37 0.02 -9.46
C LEU A 150 9.38 1.51 -9.74
N PRO A 151 10.06 1.89 -10.81
CA PRO A 151 10.18 3.29 -11.19
C PRO A 151 8.86 3.85 -11.73
N THR A 152 8.65 5.14 -11.57
CA THR A 152 7.36 5.69 -11.92
C THR A 152 7.17 5.68 -13.43
N VAL A 153 5.91 5.55 -13.82
CA VAL A 153 5.43 5.86 -15.17
C VAL A 153 4.52 7.09 -15.04
N ASP A 154 4.90 8.23 -15.64
CA ASP A 154 4.15 9.46 -15.45
C ASP A 154 2.74 9.41 -16.00
N TYR A 155 1.92 10.36 -15.57
CA TYR A 155 0.51 10.38 -15.92
C TYR A 155 0.30 10.36 -17.43
N ALA A 156 1.06 11.18 -18.15
CA ALA A 156 0.89 11.29 -19.60
C ALA A 156 1.09 9.94 -20.31
N ILE A 157 2.10 9.16 -19.91
CA ILE A 157 2.33 7.83 -20.45
C ILE A 157 1.30 6.83 -19.90
N CYS A 158 1.15 6.79 -18.57
CA CYS A 158 0.26 5.78 -17.95
C CYS A 158 -1.20 5.82 -18.44
N SER A 159 -1.70 7.02 -18.72
CA SER A 159 -3.08 7.21 -19.16
C SER A 159 -3.17 7.24 -20.70
N SER A 160 -2.07 6.91 -21.36
CA SER A 160 -2.11 6.74 -22.82
C SER A 160 -2.86 5.46 -23.20
N SER A 161 -3.34 5.39 -24.44
CA SER A 161 -4.16 4.26 -24.88
C SER A 161 -3.47 2.89 -24.76
N SER A 162 -2.16 2.83 -24.97
CA SER A 162 -1.44 1.56 -24.87
C SER A 162 -1.12 1.11 -23.45
N TYR A 163 -1.33 1.98 -22.46
CA TYR A 163 -1.13 1.60 -21.05
C TYR A 163 -2.53 1.47 -20.44
N TRP A 164 -2.89 2.34 -19.51
CA TRP A 164 -4.22 2.24 -18.89
C TRP A 164 -5.32 3.08 -19.47
N GLY A 165 -4.98 3.97 -20.41
CA GLY A 165 -5.97 4.90 -20.93
C GLY A 165 -6.67 5.67 -19.83
N SER A 166 -7.95 5.97 -20.02
CA SER A 166 -8.72 6.87 -19.15
C SER A 166 -8.95 6.22 -17.78
N THR A 167 -8.65 4.93 -17.64
CA THR A 167 -8.82 4.25 -16.34
C THR A 167 -7.91 4.85 -15.29
N VAL A 168 -6.72 5.31 -15.69
CA VAL A 168 -5.82 6.02 -14.74
C VAL A 168 -6.10 7.51 -14.72
N LYS A 169 -6.20 8.06 -13.50
CA LYS A 169 -6.48 9.45 -13.24
C LYS A 169 -5.24 10.16 -12.70
N ASN A 170 -5.28 11.50 -12.69
CA ASN A 170 -4.10 12.21 -12.26
C ASN A 170 -3.98 12.20 -10.72
N SER A 171 -5.01 11.66 -10.06
CA SER A 171 -4.92 11.41 -8.63
C SER A 171 -4.24 10.08 -8.32
N MET A 172 -3.64 9.45 -9.32
CA MET A 172 -2.94 8.17 -9.15
C MET A 172 -1.50 8.31 -9.61
N VAL A 173 -0.65 7.46 -9.05
CA VAL A 173 0.72 7.22 -9.50
C VAL A 173 0.78 5.83 -10.10
N CYS A 174 1.51 5.72 -11.22
CA CYS A 174 1.76 4.43 -11.80
C CYS A 174 3.24 4.09 -11.65
N ALA A 175 3.58 2.82 -11.47
CA ALA A 175 4.99 2.46 -11.39
C ALA A 175 5.17 1.07 -11.94
N GLY A 176 6.32 0.82 -12.58
CA GLY A 176 6.58 -0.49 -13.15
C GLY A 176 6.01 -0.70 -14.56
N GLY A 177 5.30 -1.80 -14.81
CA GLY A 177 4.74 -2.08 -16.17
C GLY A 177 5.68 -2.51 -17.30
N ASP A 178 6.85 -3.02 -16.95
CA ASP A 178 7.75 -3.64 -17.91
C ASP A 178 7.40 -5.12 -18.09
N GLY A 179 6.35 -5.57 -17.40
CA GLY A 179 5.95 -6.98 -17.38
C GLY A 179 6.79 -7.89 -16.52
N VAL A 180 7.72 -7.29 -15.79
CA VAL A 180 8.62 -8.04 -14.93
C VAL A 180 8.32 -7.93 -13.43
N ARG A 181 8.30 -6.70 -12.92
CA ARG A 181 8.14 -6.42 -11.47
CA ARG A 181 8.08 -6.51 -11.47
C ARG A 181 6.80 -5.73 -11.24
N SER A 182 6.18 -6.02 -10.08
CA SER A 182 4.84 -5.45 -9.85
C SER A 182 4.39 -5.69 -8.43
N GLY A 183 3.37 -4.95 -8.00
CA GLY A 183 2.60 -5.41 -6.82
C GLY A 183 1.72 -6.60 -7.20
N CYS A 184 1.16 -7.29 -6.21
CA CYS A 184 0.31 -8.41 -6.49
C CYS A 184 -0.61 -8.59 -5.29
N GLN A 185 -1.47 -9.59 -5.34
CA GLN A 185 -2.52 -9.68 -4.31
C GLN A 185 -1.92 -9.84 -2.91
N GLY A 186 -2.41 -9.03 -1.97
CA GLY A 186 -1.81 -8.99 -0.63
C GLY A 186 -0.90 -7.80 -0.43
N ASP A 187 -0.52 -7.12 -1.50
CA ASP A 187 0.29 -5.89 -1.40
C ASP A 187 -0.56 -4.64 -1.28
N SER A 188 -1.84 -4.70 -1.66
CA SER A 188 -2.59 -3.43 -1.75
C SER A 188 -2.70 -2.77 -0.39
N GLY A 189 -2.88 -1.45 -0.43
CA GLY A 189 -2.91 -0.67 0.81
C GLY A 189 -1.51 -0.27 1.21
N GLY A 190 -0.50 -1.01 0.74
CA GLY A 190 0.88 -0.74 1.14
C GLY A 190 1.51 0.45 0.43
N PRO A 191 2.76 0.74 0.79
CA PRO A 191 3.46 1.89 0.23
C PRO A 191 4.15 1.66 -1.10
N LEU A 192 4.27 2.76 -1.82
CA LEU A 192 5.33 2.92 -2.83
C LEU A 192 6.25 3.97 -2.21
N HIS A 193 7.50 3.59 -1.94
CA HIS A 193 8.49 4.48 -1.31
C HIS A 193 9.38 5.09 -2.39
N CYS A 194 9.38 6.40 -2.53
CA CYS A 194 10.13 7.02 -3.61
C CYS A 194 11.20 7.92 -3.04
N LEU A 195 12.39 7.85 -3.65
CA LEU A 195 13.54 8.60 -3.15
C LEU A 195 13.50 10.04 -3.63
N VAL A 196 13.46 10.95 -2.68
CA VAL A 196 13.41 12.38 -2.97
C VAL A 196 14.41 13.07 -2.06
N ASN A 197 15.38 13.77 -2.66
CA ASN A 197 16.43 14.46 -1.86
C ASN A 197 17.09 13.57 -0.82
N GLY A 198 17.36 12.33 -1.23
CA GLY A 198 17.97 11.35 -0.37
C GLY A 198 17.12 10.68 0.71
N GLN A 199 15.82 10.99 0.74
CA GLN A 199 14.93 10.50 1.77
C GLN A 199 13.82 9.75 1.04
N TYR A 200 13.46 8.58 1.53
CA TYR A 200 12.27 7.89 1.02
C TYR A 200 11.00 8.51 1.60
N ALA A 201 10.02 8.78 0.74
CA ALA A 201 8.72 9.24 1.17
C ALA A 201 7.68 8.33 0.50
N VAL A 202 6.55 8.16 1.16
CA VAL A 202 5.52 7.26 0.65
C VAL A 202 4.60 8.05 -0.29
N HIS A 203 4.88 7.88 -1.61
CA HIS A 203 4.13 8.59 -2.66
C HIS A 203 2.90 7.86 -3.16
N GLY A 204 2.84 6.55 -2.89
CA GLY A 204 1.71 5.75 -3.38
C GLY A 204 1.12 4.84 -2.32
N VAL A 205 -0.17 4.59 -2.47
CA VAL A 205 -0.89 3.52 -1.76
C VAL A 205 -1.34 2.51 -2.82
N THR A 206 -0.83 1.27 -2.72
CA THR A 206 -1.08 0.31 -3.82
C THR A 206 -2.59 0.08 -3.99
N SER A 207 -3.10 0.24 -5.21
CA SER A 207 -4.54 0.15 -5.48
C SER A 207 -4.92 -1.03 -6.38
N PHE A 208 -4.48 -1.03 -7.64
CA PHE A 208 -4.91 -2.08 -8.54
C PHE A 208 -3.84 -2.43 -9.56
N VAL A 209 -4.04 -3.63 -10.12
CA VAL A 209 -3.23 -4.18 -11.26
C VAL A 209 -4.21 -4.63 -12.34
N SER A 210 -3.67 -5.13 -13.46
CA SER A 210 -4.52 -5.70 -14.51
C SER A 210 -5.30 -6.94 -14.06
N ARG A 211 -6.48 -7.10 -14.63
CA ARG A 211 -7.24 -8.32 -14.38
CA ARG A 211 -7.33 -8.27 -14.53
C ARG A 211 -6.62 -9.51 -15.09
N LEU A 212 -5.65 -9.24 -15.99
CA LEU A 212 -4.91 -10.35 -16.64
C LEU A 212 -3.80 -10.95 -15.78
N GLY A 213 -3.31 -10.20 -14.80
CA GLY A 213 -2.26 -10.69 -13.92
C GLY A 213 -1.54 -9.51 -13.27
N CYS A 214 -0.55 -9.82 -12.42
CA CYS A 214 0.16 -8.79 -11.65
C CYS A 214 1.20 -8.07 -12.50
N ASN A 215 2.18 -8.82 -13.00
CA ASN A 215 3.20 -8.23 -13.83
C ASN A 215 2.76 -8.39 -15.28
N VAL A 216 2.23 -7.32 -15.85
CA VAL A 216 1.68 -7.35 -17.20
C VAL A 216 2.30 -6.16 -17.92
N THR A 217 2.96 -6.40 -19.07
CA THR A 217 3.58 -5.28 -19.79
C THR A 217 2.58 -4.23 -20.18
N ARG A 218 2.97 -2.98 -19.95
CA ARG A 218 2.18 -1.77 -20.14
C ARG A 218 0.93 -1.70 -19.26
N LYS A 219 0.88 -2.53 -18.22
CA LYS A 219 -0.13 -2.34 -17.15
C LYS A 219 0.63 -2.16 -15.83
N PRO A 220 1.28 -1.00 -15.64
CA PRO A 220 2.00 -0.78 -14.38
C PRO A 220 1.02 -0.87 -13.21
N THR A 221 1.56 -1.22 -12.05
CA THR A 221 0.80 -1.16 -10.79
C THR A 221 0.34 0.28 -10.59
N VAL A 222 -0.90 0.44 -10.11
CA VAL A 222 -1.52 1.75 -9.99
C VAL A 222 -1.74 2.01 -8.51
N PHE A 223 -1.34 3.21 -8.07
CA PHE A 223 -1.37 3.60 -6.65
C PHE A 223 -2.16 4.86 -6.50
N THR A 224 -2.79 5.03 -5.34
CA THR A 224 -3.40 6.30 -4.99
C THR A 224 -2.25 7.29 -4.76
N ARG A 225 -2.30 8.46 -5.41
CA ARG A 225 -1.21 9.45 -5.27
C ARG A 225 -1.31 10.18 -3.92
N VAL A 226 -0.43 9.83 -2.97
CA VAL A 226 -0.58 10.34 -1.58
C VAL A 226 -0.55 11.86 -1.58
N SER A 227 0.26 12.44 -2.47
CA SER A 227 0.39 13.92 -2.45
C SER A 227 -0.86 14.67 -2.86
N ALA A 228 -1.84 13.96 -3.38
CA ALA A 228 -3.15 14.53 -3.72
C ALA A 228 -4.07 14.61 -2.51
N TYR A 229 -3.65 13.97 -1.42
CA TYR A 229 -4.52 13.74 -0.26
C TYR A 229 -3.99 14.30 1.03
N ILE A 230 -2.94 15.12 0.94
CA ILE A 230 -2.28 15.63 2.14
C ILE A 230 -3.26 16.40 3.03
N SER A 231 -4.00 17.32 2.43
CA SER A 231 -4.98 18.08 3.23
C SER A 231 -6.06 17.19 3.86
N TRP A 232 -6.54 16.21 3.10
CA TRP A 232 -7.52 15.27 3.57
C TRP A 232 -6.97 14.52 4.76
N ILE A 233 -5.78 13.91 4.61
CA ILE A 233 -5.11 13.19 5.69
C ILE A 233 -4.98 14.06 6.96
N ASN A 234 -4.50 15.27 6.79
CA ASN A 234 -4.32 16.17 7.95
C ASN A 234 -5.63 16.51 8.60
N ASN A 235 -6.67 16.73 7.79
CA ASN A 235 -8.00 17.04 8.32
C ASN A 235 -8.57 15.91 9.15
N VAL A 236 -8.43 14.67 8.64
CA VAL A 236 -8.90 13.49 9.34
C VAL A 236 -8.22 13.35 10.71
N ILE A 237 -6.91 13.49 10.72
CA ILE A 237 -6.14 13.31 11.96
C ILE A 237 -6.53 14.39 12.95
N ALA A 238 -6.65 15.63 12.46
CA ALA A 238 -6.99 16.77 13.36
C ALA A 238 -8.39 16.68 13.94
N SER A 239 -9.31 16.06 13.23
CA SER A 239 -10.69 15.95 13.71
C SER A 239 -11.05 14.64 14.44
N ASN A 240 -10.07 13.74 14.59
CA ASN A 240 -10.28 12.45 15.23
C ASN A 240 -9.17 12.17 16.22
CA 6NA B 1 -8.37 -3.41 -13.30
C 6NA B 1 -8.89 -4.32 -12.22
O 6NA B 1 -10.14 -4.73 -12.24
CB 6NA B 1 -9.40 -2.42 -13.78
CG 6NA B 1 -9.70 -1.49 -12.65
CD 6NA B 1 -10.53 -0.31 -13.09
C6 6NA B 1 -11.81 -0.74 -13.79
N GLN B 2 -8.07 -4.69 -11.34
CA GLN B 2 -8.42 -5.56 -10.21
C GLN B 2 -7.71 -5.06 -9.00
N THR B 3 -8.50 -4.75 -7.97
CA THR B 3 -7.79 -4.29 -6.78
C THR B 3 -6.86 -5.36 -6.25
N DBU B 4 -5.81 -4.96 -5.49
CA DBU B 4 -4.80 -5.73 -4.98
CB DBU B 4 -3.53 -5.68 -5.47
CG DBU B 4 -3.13 -4.83 -6.63
C DBU B 4 -5.03 -6.65 -3.87
O DBU B 4 -4.03 -7.14 -3.32
N GLJ B 5 -6.26 -6.85 -3.40
CA GLJ B 5 -6.45 -7.57 -2.12
C GLJ B 5 -6.89 -9.03 -2.30
O GLJ B 5 -6.81 -9.53 -3.60
CB GLJ B 5 -7.35 -6.74 -1.21
CG GLJ B 5 -7.77 -7.67 -0.08
CD GLJ B 5 -8.72 -8.77 -0.60
OE1 GLJ B 5 -9.89 -8.20 -1.13
N PHE B 6 -8.05 -9.55 -1.64
CA PHE B 6 -8.48 -10.93 -1.99
C PHE B 6 -10.01 -10.75 -2.00
N YNM B 7 -10.73 -10.64 -3.24
CA YNM B 7 -9.93 -10.39 -4.45
C YNM B 7 -10.27 -9.01 -5.02
O YNM B 7 -11.02 -8.95 -6.22
CB YNM B 7 -10.15 -11.53 -5.46
CG YNM B 7 -9.34 -12.70 -4.93
CD1 YNM B 7 -8.00 -12.83 -5.32
CD2 YNM B 7 -9.91 -13.64 -4.08
CE1 YNM B 7 -7.22 -13.91 -4.86
CE2 YNM B 7 -9.13 -14.70 -3.60
OH YNM B 7 -7.03 -15.86 -3.55
CZ YNM B 7 -7.79 -14.83 -4.00
CM YNM B 7 -12.18 -10.68 -3.23
N VAL B 8 -10.68 -7.98 -4.11
CA VAL B 8 -11.06 -6.74 -4.68
C VAL B 8 -9.77 -6.01 -5.02
CA CA C . 6.82 -11.90 12.81
S SO4 D . -2.87 18.02 -6.53
O1 SO4 D . -3.28 17.45 -7.83
O2 SO4 D . -1.97 17.12 -5.80
O3 SO4 D . -2.10 19.27 -6.80
O4 SO4 D . -4.00 18.34 -5.67
#